data_7FAM
#
_entry.id   7FAM
#
_cell.length_a   115.488
_cell.length_b   74.039
_cell.length_c   74.854
_cell.angle_alpha   90.000
_cell.angle_beta   111.240
_cell.angle_gamma   90.000
#
_symmetry.space_group_name_H-M   'C 1 2 1'
#
loop_
_entity.id
_entity.type
_entity.pdbx_description
1 polymer 'Prolyl-tRNA synthetase (ProRS)'
2 non-polymer 4-[(3S)-3-cyclopropyl-3-(hydroxymethyl)-2-oxidanylidene-pyrrolidin-1-yl]-N-[[3-fluoranyl-5-(1-methylpyrazol-4-yl)phenyl]methyl]-6-methyl-pyridine-2-carboxamide
3 non-polymer PROLINE
4 water water
#
_entity_poly.entity_id   1
_entity_poly.type   'polypeptide(L)'
_entity_poly.pdbx_seq_one_letter_code
;GAMVTAKKDENFSEWYTQAIVRSEMIEYYDISGCYIMRPWAFHIWEKVQRFFDDEIKKMGVENSYFPMFVSRHKLEKEKD
HVEGFSPEVAWVTHYGDSPLPEKIAIRPTSETIMYPAYAKWIRSHRDLPLKLNQWCSVVRWEFKQPTPFLRTREFLWQEG
HTAHATEEEAWELVLDILELYRRWYEECLAVPVIKGEKSEGEKFAGGKKTTTVEAFIPENGRGIQAATSHLLGTNFAKMF
EIEFEDEEGHKRLVHQTSWGCTTRSLGVMIMTHGDDKGLVIPPRVASVQVVIIPILFKDENTGEILGKCRELKTMLEKAD
IRVRIDDRSNYTPGWKYNHWEVKGVPLRLELGPKDLAKGTARVVRRDTGEAYQISWADLAPKLLELMEGIQRSLFEKAKA
RLHEGIEKISTFDEVMPALNRKHLVLAPWCEDPESEEQIKKETQKLSEIQAIEAGDSEQVMTGAMKTLCIPFDQPPMPEG
TKCFYTGKPAKRWTLWGRSY
;
_entity_poly.pdbx_strand_id   A
#
loop_
_chem_comp.id
_chem_comp.type
_chem_comp.name
_chem_comp.formula
1XK non-polymer 4-[(3S)-3-cyclopropyl-3-(hydroxymethyl)-2-oxidanylidene-pyrrolidin-1-yl]-N-[[3-fluoranyl-5-(1-methylpyrazol-4-yl)phenyl]methyl]-6-methyl-pyridine-2-carboxamide 'C26 H28 F N5 O3'
#
# COMPACT_ATOMS: atom_id res chain seq x y z
N MET A 3 24.93 2.82 -7.14
CA MET A 3 25.21 3.03 -5.71
C MET A 3 24.36 4.14 -5.08
N VAL A 4 23.78 3.85 -3.90
CA VAL A 4 22.99 4.81 -3.12
C VAL A 4 23.86 5.44 -2.04
N THR A 5 23.81 6.77 -1.95
CA THR A 5 24.72 7.57 -1.13
C THR A 5 24.04 8.35 -0.01
N ALA A 6 22.72 8.53 -0.04
CA ALA A 6 22.03 9.29 0.98
C ALA A 6 21.58 8.34 2.10
N LYS A 7 21.82 8.74 3.34
CA LYS A 7 21.42 7.97 4.50
C LYS A 7 19.92 8.09 4.72
N LYS A 8 19.29 6.94 4.99
CA LYS A 8 17.84 6.90 5.24
C LYS A 8 17.44 7.69 6.47
N ASP A 9 18.31 7.77 7.50
CA ASP A 9 17.93 8.44 8.73
C ASP A 9 18.35 9.91 8.75
N GLU A 10 18.90 10.43 7.65
CA GLU A 10 19.28 11.84 7.58
C GLU A 10 18.42 12.57 6.56
N ASN A 11 18.58 12.33 5.28
CA ASN A 11 17.75 12.98 4.27
C ASN A 11 16.86 11.92 3.66
N PHE A 12 15.67 11.75 4.24
CA PHE A 12 14.75 10.71 3.82
C PHE A 12 14.22 10.96 2.41
N SER A 13 13.95 12.22 2.07
CA SER A 13 13.49 12.57 0.73
C SER A 13 14.47 12.09 -0.34
N GLU A 14 15.73 12.52 -0.25
CA GLU A 14 16.72 12.15 -1.25
C GLU A 14 17.05 10.67 -1.19
N TRP A 15 16.96 10.05 0.00
CA TRP A 15 17.16 8.60 0.07
C TRP A 15 16.08 7.87 -0.73
N TYR A 16 14.83 8.26 -0.57
CA TYR A 16 13.71 7.59 -1.25
C TYR A 16 13.81 7.78 -2.76
N THR A 17 14.09 9.03 -3.18
CA THR A 17 14.28 9.31 -4.60
C THR A 17 15.40 8.47 -5.18
N GLN A 18 16.56 8.42 -4.49
CA GLN A 18 17.69 7.63 -4.99
C GLN A 18 17.31 6.17 -5.06
N ALA A 19 16.64 5.66 -4.03
CA ALA A 19 16.31 4.25 -4.00
C ALA A 19 15.39 3.87 -5.16
N ILE A 20 14.41 4.72 -5.47
CA ILE A 20 13.44 4.30 -6.49
C ILE A 20 13.94 4.59 -7.88
N VAL A 21 14.86 5.55 -8.03
CA VAL A 21 15.38 5.85 -9.36
C VAL A 21 16.51 4.89 -9.71
N ARG A 22 17.45 4.69 -8.80
CA ARG A 22 18.64 3.90 -9.09
C ARG A 22 18.35 2.41 -9.23
N SER A 23 17.23 1.93 -8.68
CA SER A 23 16.78 0.56 -8.87
C SER A 23 15.92 0.39 -10.13
N GLU A 24 15.68 1.46 -10.90
CA GLU A 24 14.93 1.41 -12.15
C GLU A 24 13.46 1.10 -11.90
N MET A 25 12.92 1.66 -10.82
CA MET A 25 11.50 1.53 -10.47
C MET A 25 10.68 2.64 -11.11
N ILE A 26 11.18 3.89 -11.00
CA ILE A 26 10.46 5.09 -11.39
C ILE A 26 11.26 5.87 -12.41
N GLU A 27 10.59 6.37 -13.45
CA GLU A 27 11.20 7.35 -14.32
C GLU A 27 10.35 8.60 -14.27
N TYR A 28 11.02 9.75 -14.31
CA TYR A 28 10.36 11.05 -14.23
C TYR A 28 9.63 11.39 -15.52
N TYR A 29 8.72 12.34 -15.42
CA TYR A 29 7.88 12.70 -16.53
C TYR A 29 7.63 14.21 -16.56
N ASP A 30 7.48 14.71 -17.79
CA ASP A 30 7.17 16.11 -18.06
C ASP A 30 6.06 16.64 -17.16
N ILE A 31 4.93 15.95 -17.15
CA ILE A 31 3.71 16.51 -16.59
C ILE A 31 3.77 16.26 -15.09
N SER A 32 3.97 17.35 -14.34
CA SER A 32 4.11 17.27 -12.88
C SER A 32 3.09 16.30 -12.29
N GLY A 33 3.53 15.53 -11.30
CA GLY A 33 2.69 14.61 -10.57
C GLY A 33 2.45 13.26 -11.21
N CYS A 34 3.00 13.01 -12.40
CA CYS A 34 2.89 11.69 -13.02
C CYS A 34 4.29 11.10 -13.19
N TYR A 35 4.39 9.79 -12.99
CA TYR A 35 5.64 9.07 -13.03
C TYR A 35 5.48 7.80 -13.84
N ILE A 36 6.49 7.48 -14.63
CA ILE A 36 6.53 6.23 -15.36
C ILE A 36 6.81 5.10 -14.37
N MET A 37 5.94 4.08 -14.35
CA MET A 37 6.25 2.90 -13.55
C MET A 37 6.97 1.86 -14.42
N ARG A 38 8.27 1.67 -14.17
CA ARG A 38 9.12 0.78 -14.95
C ARG A 38 8.93 -0.68 -14.52
N PRO A 39 9.40 -1.66 -15.35
CA PRO A 39 9.12 -3.09 -15.04
C PRO A 39 9.49 -3.55 -13.64
N TRP A 40 10.57 -3.02 -13.06
CA TRP A 40 11.01 -3.52 -11.76
C TRP A 40 9.95 -3.28 -10.69
N ALA A 41 9.23 -2.15 -10.78
CA ALA A 41 8.14 -1.88 -9.85
C ALA A 41 6.82 -2.48 -10.32
N PHE A 42 6.60 -2.50 -11.64
CA PHE A 42 5.34 -3.04 -12.14
C PHE A 42 5.21 -4.54 -11.85
N HIS A 43 6.32 -5.31 -11.84
CA HIS A 43 6.23 -6.72 -11.47
C HIS A 43 5.61 -6.89 -10.09
N ILE A 44 6.04 -6.06 -9.13
CA ILE A 44 5.47 -6.12 -7.80
C ILE A 44 3.99 -5.77 -7.82
N TRP A 45 3.63 -4.74 -8.57
CA TRP A 45 2.22 -4.39 -8.69
C TRP A 45 1.43 -5.55 -9.29
N GLU A 46 2.00 -6.24 -10.27
CA GLU A 46 1.36 -7.40 -10.88
C GLU A 46 1.17 -8.51 -9.86
N LYS A 47 2.14 -8.69 -8.96
CA LYS A 47 2.02 -9.81 -8.03
C LYS A 47 0.95 -9.52 -6.99
N VAL A 48 0.93 -8.31 -6.43
CA VAL A 48 -0.13 -8.01 -5.46
C VAL A 48 -1.48 -7.98 -6.16
N GLN A 49 -1.51 -7.59 -7.44
CA GLN A 49 -2.80 -7.55 -8.13
C GLN A 49 -3.33 -8.96 -8.32
N ARG A 50 -2.43 -9.89 -8.63
CA ARG A 50 -2.83 -11.28 -8.79
C ARG A 50 -3.37 -11.85 -7.46
N PHE A 51 -2.66 -11.57 -6.37
CA PHE A 51 -3.13 -11.98 -5.05
C PHE A 51 -4.54 -11.45 -4.78
N PHE A 52 -4.75 -10.14 -4.95
CA PHE A 52 -6.03 -9.56 -4.57
C PHE A 52 -7.14 -10.05 -5.49
N ASP A 53 -6.85 -10.11 -6.78
CA ASP A 53 -7.82 -10.62 -7.75
C ASP A 53 -8.28 -12.01 -7.39
N ASP A 54 -7.34 -12.94 -7.13
CA ASP A 54 -7.73 -14.30 -6.75
C ASP A 54 -8.63 -14.27 -5.54
N GLU A 55 -8.26 -13.47 -4.54
CA GLU A 55 -9.01 -13.47 -3.29
C GLU A 55 -10.45 -12.99 -3.51
N ILE A 56 -10.63 -11.94 -4.32
CA ILE A 56 -11.97 -11.41 -4.47
C ILE A 56 -12.78 -12.25 -5.42
N LYS A 57 -12.14 -12.95 -6.35
CA LYS A 57 -12.90 -13.88 -7.18
C LYS A 57 -13.45 -15.00 -6.33
N LYS A 58 -12.73 -15.43 -5.28
CA LYS A 58 -13.37 -16.42 -4.40
C LYS A 58 -14.59 -15.87 -3.68
N MET A 59 -14.69 -14.56 -3.47
CA MET A 59 -15.91 -13.99 -2.89
C MET A 59 -17.02 -13.78 -3.92
N GLY A 60 -16.81 -14.12 -5.19
CA GLY A 60 -17.84 -13.79 -6.17
C GLY A 60 -17.67 -12.42 -6.83
N VAL A 61 -16.65 -11.65 -6.47
CA VAL A 61 -16.47 -10.37 -7.17
C VAL A 61 -15.99 -10.63 -8.59
N GLU A 62 -16.55 -9.89 -9.55
CA GLU A 62 -16.17 -10.04 -10.95
C GLU A 62 -15.58 -8.74 -11.47
N ASN A 63 -14.69 -8.88 -12.44
CA ASN A 63 -14.05 -7.72 -13.02
C ASN A 63 -14.89 -7.19 -14.18
N SER A 64 -14.80 -5.88 -14.38
CA SER A 64 -15.55 -5.15 -15.37
C SER A 64 -14.65 -4.03 -15.88
N TYR A 65 -15.14 -3.20 -16.80
CA TYR A 65 -14.46 -1.94 -17.13
C TYR A 65 -15.51 -0.89 -17.50
N PHE A 66 -15.57 0.15 -16.73
CA PHE A 66 -16.44 1.29 -16.98
C PHE A 66 -15.63 2.43 -17.62
N PRO A 67 -16.26 3.33 -18.38
CA PRO A 67 -15.47 4.38 -19.06
C PRO A 67 -14.72 5.30 -18.10
N MET A 68 -13.61 5.87 -18.59
CA MET A 68 -12.89 6.88 -17.83
C MET A 68 -13.53 8.27 -17.89
N PHE A 69 -14.61 8.45 -18.64
CA PHE A 69 -15.26 9.76 -18.73
C PHE A 69 -16.55 9.76 -17.94
N VAL A 70 -16.89 10.93 -17.39
CA VAL A 70 -18.15 11.10 -16.68
C VAL A 70 -18.72 12.47 -17.05
N SER A 71 -20.03 12.53 -17.25
CA SER A 71 -20.65 13.77 -17.69
C SER A 71 -20.76 14.75 -16.54
N ARG A 72 -20.74 16.05 -16.89
CA ARG A 72 -20.90 17.08 -15.87
C ARG A 72 -22.20 16.89 -15.08
N HIS A 73 -23.24 16.41 -15.75
CA HIS A 73 -24.53 16.20 -15.10
C HIS A 73 -24.41 15.19 -13.96
N LYS A 74 -23.87 14.00 -14.24
CA LYS A 74 -23.94 12.91 -13.26
C LYS A 74 -23.03 13.15 -12.09
N LEU A 75 -21.83 13.69 -12.34
CA LEU A 75 -20.92 14.00 -11.26
C LEU A 75 -21.50 15.05 -10.32
N GLU A 76 -22.41 15.88 -10.83
CA GLU A 76 -23.02 16.97 -10.04
C GLU A 76 -24.03 16.40 -9.03
N PRO A 87 -13.74 19.36 -7.83
CA PRO A 87 -12.69 20.16 -7.18
C PRO A 87 -11.26 19.82 -7.66
N GLU A 88 -10.83 18.57 -7.50
CA GLU A 88 -9.53 18.10 -8.01
C GLU A 88 -9.73 17.27 -9.29
N VAL A 89 -10.65 17.71 -10.13
CA VAL A 89 -11.12 16.96 -11.29
C VAL A 89 -10.63 17.63 -12.56
N ALA A 90 -10.04 16.85 -13.45
CA ALA A 90 -9.62 17.33 -14.75
C ALA A 90 -10.77 17.26 -15.75
N TRP A 91 -10.94 18.32 -16.53
CA TRP A 91 -12.03 18.44 -17.48
C TRP A 91 -11.50 18.39 -18.90
N VAL A 92 -12.16 17.60 -19.76
CA VAL A 92 -11.91 17.61 -21.19
C VAL A 92 -12.91 18.56 -21.84
N THR A 93 -12.40 19.50 -22.62
CA THR A 93 -13.24 20.52 -23.22
C THR A 93 -13.10 20.62 -24.73
N HIS A 94 -12.15 19.92 -25.34
CA HIS A 94 -11.88 20.06 -26.76
C HIS A 94 -11.42 18.73 -27.35
N TYR A 95 -11.76 18.48 -28.60
CA TYR A 95 -11.22 17.37 -29.31
C TYR A 95 -10.47 18.04 -30.42
N GLY A 96 -9.25 18.43 -30.14
CA GLY A 96 -8.46 19.22 -31.06
C GLY A 96 -8.98 20.63 -31.03
N ASP A 97 -9.23 21.16 -32.21
CA ASP A 97 -9.72 22.52 -32.36
C ASP A 97 -11.22 22.65 -32.18
N SER A 98 -11.95 21.52 -32.08
CA SER A 98 -13.36 21.67 -31.93
C SER A 98 -13.70 21.66 -30.47
N PRO A 99 -14.69 22.43 -30.10
CA PRO A 99 -15.12 22.44 -28.71
C PRO A 99 -16.16 21.35 -28.42
N LEU A 100 -16.14 20.86 -27.18
CA LEU A 100 -17.16 19.90 -26.79
C LEU A 100 -18.48 20.62 -26.52
N PRO A 101 -19.62 20.01 -26.86
CA PRO A 101 -20.91 20.64 -26.53
C PRO A 101 -21.14 20.72 -25.04
N GLU A 102 -20.62 19.75 -24.30
CA GLU A 102 -20.65 19.77 -22.84
C GLU A 102 -19.37 19.10 -22.35
N LYS A 103 -18.57 19.86 -21.58
CA LYS A 103 -17.32 19.34 -21.05
C LYS A 103 -17.54 18.07 -20.23
N ILE A 104 -16.56 17.18 -20.29
CA ILE A 104 -16.62 15.89 -19.59
C ILE A 104 -15.42 15.80 -18.66
N ALA A 105 -15.55 14.95 -17.63
CA ALA A 105 -14.56 14.83 -16.58
C ALA A 105 -13.88 13.47 -16.62
N ILE A 106 -12.65 13.42 -16.13
CA ILE A 106 -11.93 12.15 -15.98
C ILE A 106 -12.17 11.63 -14.59
N ARG A 107 -12.50 10.33 -14.49
CA ARG A 107 -12.85 9.69 -13.24
C ARG A 107 -11.79 9.99 -12.16
N PRO A 108 -12.18 10.58 -11.03
CA PRO A 108 -11.36 10.48 -9.82
C PRO A 108 -11.72 9.28 -8.97
N THR A 109 -12.81 8.60 -9.30
CA THR A 109 -13.46 7.48 -8.64
C THR A 109 -14.72 7.28 -9.45
N SER A 110 -15.34 6.09 -9.36
CA SER A 110 -16.37 5.74 -10.34
C SER A 110 -17.75 5.45 -9.76
N GLU A 111 -18.04 5.84 -8.51
CA GLU A 111 -19.40 5.74 -8.00
C GLU A 111 -20.42 6.34 -8.96
N THR A 112 -20.18 7.60 -9.41
CA THR A 112 -21.17 8.26 -10.26
C THR A 112 -21.14 7.78 -11.70
N ILE A 113 -20.16 6.96 -12.06
CA ILE A 113 -20.10 6.29 -13.37
C ILE A 113 -20.85 4.98 -13.34
N MET A 114 -20.68 4.21 -12.26
CA MET A 114 -21.19 2.86 -12.23
C MET A 114 -22.60 2.78 -11.69
N TYR A 115 -22.99 3.72 -10.84
CA TYR A 115 -24.22 3.48 -10.09
C TYR A 115 -25.50 3.73 -10.89
N PRO A 116 -25.53 4.59 -11.93
CA PRO A 116 -26.72 4.56 -12.81
C PRO A 116 -26.89 3.22 -13.50
N ALA A 117 -25.78 2.61 -13.92
CA ALA A 117 -25.87 1.25 -14.44
C ALA A 117 -26.45 0.31 -13.40
N TYR A 118 -25.98 0.42 -12.15
CA TYR A 118 -26.52 -0.38 -11.05
C TYR A 118 -28.04 -0.21 -10.92
N ALA A 119 -28.52 1.04 -10.97
CA ALA A 119 -29.96 1.27 -10.90
C ALA A 119 -30.69 0.54 -12.02
N LYS A 120 -30.07 0.47 -13.21
CA LYS A 120 -30.70 -0.27 -14.30
C LYS A 120 -30.64 -1.78 -14.09
N TRP A 121 -29.58 -2.30 -13.47
CA TRP A 121 -29.38 -3.74 -13.41
C TRP A 121 -30.13 -4.41 -12.27
N ILE A 122 -30.34 -3.71 -11.16
CA ILE A 122 -30.91 -4.30 -9.97
C ILE A 122 -32.40 -4.03 -9.98
N ARG A 123 -33.20 -5.09 -10.09
CA ARG A 123 -34.66 -5.04 -10.06
C ARG A 123 -35.23 -5.86 -8.93
N SER A 124 -34.75 -7.10 -8.77
CA SER A 124 -35.29 -8.10 -7.88
C SER A 124 -34.23 -8.44 -6.84
N HIS A 125 -34.69 -8.93 -5.68
CA HIS A 125 -33.76 -9.42 -4.68
C HIS A 125 -32.92 -10.59 -5.19
N ARG A 126 -33.36 -11.23 -6.27
CA ARG A 126 -32.58 -12.29 -6.90
C ARG A 126 -31.43 -11.75 -7.72
N ASP A 127 -31.31 -10.44 -7.85
CA ASP A 127 -30.18 -9.79 -8.52
C ASP A 127 -29.05 -9.46 -7.56
N LEU A 128 -29.29 -9.56 -6.24
CA LEU A 128 -28.33 -9.23 -5.20
C LEU A 128 -27.78 -10.51 -4.58
N PRO A 129 -26.54 -10.48 -4.09
CA PRO A 129 -25.66 -9.30 -4.16
C PRO A 129 -25.07 -9.07 -5.55
N LEU A 130 -24.79 -7.81 -5.87
CA LEU A 130 -24.10 -7.44 -7.10
C LEU A 130 -22.70 -6.98 -6.70
N LYS A 131 -21.67 -7.64 -7.26
CA LYS A 131 -20.29 -7.45 -6.83
C LYS A 131 -19.40 -7.22 -8.04
N LEU A 132 -18.98 -5.97 -8.28
CA LEU A 132 -18.10 -5.68 -9.41
C LEU A 132 -16.81 -5.04 -8.92
N ASN A 133 -15.74 -5.21 -9.69
CA ASN A 133 -14.46 -4.55 -9.44
C ASN A 133 -13.83 -4.15 -10.76
N GLN A 134 -12.98 -3.12 -10.73
CA GLN A 134 -12.19 -2.83 -11.93
C GLN A 134 -10.78 -2.41 -11.55
N TRP A 135 -9.85 -2.76 -12.43
CA TRP A 135 -8.45 -2.33 -12.38
C TRP A 135 -8.25 -1.23 -13.41
N CYS A 136 -7.94 -0.03 -12.96
CA CYS A 136 -7.78 1.06 -13.91
C CYS A 136 -6.90 2.09 -13.25
N SER A 137 -6.84 3.26 -13.87
CA SER A 137 -6.18 4.39 -13.25
C SER A 137 -7.18 5.50 -13.07
N VAL A 138 -6.95 6.32 -12.05
CA VAL A 138 -7.77 7.50 -11.82
C VAL A 138 -6.84 8.70 -11.69
N VAL A 139 -7.46 9.88 -11.79
CA VAL A 139 -6.78 11.17 -11.88
C VAL A 139 -7.37 12.09 -10.82
N ARG A 140 -6.57 12.45 -9.81
CA ARG A 140 -6.92 13.47 -8.84
C ARG A 140 -5.86 14.57 -8.93
N TRP A 141 -6.27 15.73 -9.45
CA TRP A 141 -5.33 16.75 -9.95
C TRP A 141 -5.15 17.85 -8.90
N GLU A 142 -4.33 17.57 -7.90
CA GLU A 142 -3.96 18.57 -6.91
C GLU A 142 -2.74 19.37 -7.38
N PHE A 143 -2.68 20.64 -7.00
CA PHE A 143 -1.51 21.43 -7.36
C PHE A 143 -0.40 21.38 -6.30
N LYS A 144 -0.60 20.66 -5.21
CA LYS A 144 0.50 20.45 -4.27
C LYS A 144 1.58 19.57 -4.91
N GLN A 145 2.77 19.56 -4.29
CA GLN A 145 3.88 18.81 -4.84
C GLN A 145 3.68 17.31 -4.64
N PRO A 146 4.00 16.49 -5.63
CA PRO A 146 3.68 15.06 -5.56
C PRO A 146 4.74 14.29 -4.78
N THR A 147 4.46 13.00 -4.53
CA THR A 147 5.44 12.10 -3.94
C THR A 147 5.28 10.80 -4.70
N PRO A 148 6.35 10.29 -5.30
CA PRO A 148 6.28 9.01 -6.03
C PRO A 148 5.58 7.93 -5.24
N PHE A 149 4.68 7.22 -5.92
CA PHE A 149 3.82 6.19 -5.35
C PHE A 149 2.82 6.74 -4.33
N LEU A 150 3.26 7.58 -3.41
CA LEU A 150 2.38 7.90 -2.28
C LEU A 150 1.27 8.86 -2.68
N ARG A 151 1.60 9.91 -3.43
CA ARG A 151 0.67 10.98 -3.77
C ARG A 151 0.97 11.47 -5.19
N THR A 152 0.25 10.93 -6.16
CA THR A 152 0.46 11.27 -7.56
C THR A 152 -0.88 11.66 -8.18
N ARG A 153 -0.81 12.48 -9.24
CA ARG A 153 -2.04 12.97 -9.85
C ARG A 153 -2.75 11.86 -10.60
N GLU A 154 -2.02 10.97 -11.23
CA GLU A 154 -2.58 9.74 -11.79
C GLU A 154 -2.06 8.55 -11.00
N PHE A 155 -2.94 7.60 -10.68
CA PHE A 155 -2.46 6.38 -10.07
C PHE A 155 -3.31 5.20 -10.52
N LEU A 156 -2.65 4.04 -10.58
CA LEU A 156 -3.35 2.78 -10.77
C LEU A 156 -3.99 2.34 -9.47
N TRP A 157 -5.14 1.70 -9.60
CA TRP A 157 -5.79 1.16 -8.42
C TRP A 157 -6.71 0.03 -8.86
N GLN A 158 -7.25 -0.64 -7.86
CA GLN A 158 -8.52 -1.35 -8.02
C GLN A 158 -9.56 -0.62 -7.19
N GLU A 159 -10.79 -0.61 -7.73
CA GLU A 159 -11.98 -0.17 -7.01
C GLU A 159 -13.07 -1.22 -7.16
N GLY A 160 -13.61 -1.64 -6.02
CA GLY A 160 -14.71 -2.59 -5.98
C GLY A 160 -15.94 -1.91 -5.41
N HIS A 161 -17.10 -2.30 -5.94
CA HIS A 161 -18.40 -1.72 -5.62
C HIS A 161 -19.40 -2.85 -5.52
N THR A 162 -20.03 -2.98 -4.35
CA THR A 162 -21.01 -4.03 -4.12
C THR A 162 -22.31 -3.41 -3.64
N ALA A 163 -23.40 -4.09 -3.99
CA ALA A 163 -24.75 -3.76 -3.57
C ALA A 163 -25.38 -5.00 -2.94
N HIS A 164 -26.12 -4.81 -1.85
CA HIS A 164 -26.68 -5.92 -1.08
C HIS A 164 -28.11 -5.60 -0.63
N ALA A 165 -28.81 -6.65 -0.16
CA ALA A 165 -30.17 -6.51 0.29
C ALA A 165 -30.27 -5.91 1.70
N THR A 166 -29.27 -6.10 2.55
CA THR A 166 -29.32 -5.61 3.91
C THR A 166 -28.05 -4.85 4.25
N GLU A 167 -28.12 -4.07 5.32
CA GLU A 167 -26.95 -3.35 5.79
C GLU A 167 -25.90 -4.30 6.33
N GLU A 168 -26.33 -5.39 6.96
CA GLU A 168 -25.38 -6.25 7.66
C GLU A 168 -24.56 -7.07 6.67
N GLU A 169 -25.16 -7.47 5.56
CA GLU A 169 -24.41 -8.12 4.48
C GLU A 169 -23.34 -7.19 3.93
N ALA A 170 -23.69 -5.93 3.70
CA ALA A 170 -22.72 -4.99 3.17
C ALA A 170 -21.60 -4.74 4.17
N TRP A 171 -21.93 -4.69 5.48
CA TRP A 171 -20.92 -4.44 6.49
C TRP A 171 -19.93 -5.59 6.59
N GLU A 172 -20.45 -6.83 6.60
CA GLU A 172 -19.57 -7.99 6.57
C GLU A 172 -18.69 -7.99 5.34
N LEU A 173 -19.21 -7.53 4.19
CA LEU A 173 -18.33 -7.44 3.04
C LEU A 173 -17.25 -6.37 3.24
N VAL A 174 -17.61 -5.23 3.83
CA VAL A 174 -16.61 -4.18 4.10
C VAL A 174 -15.47 -4.75 4.93
N LEU A 175 -15.82 -5.50 5.97
CA LEU A 175 -14.80 -6.04 6.87
C LEU A 175 -13.98 -7.13 6.21
N ASP A 176 -14.62 -7.95 5.36
CA ASP A 176 -13.88 -8.98 4.65
C ASP A 176 -12.84 -8.38 3.72
N ILE A 177 -13.23 -7.31 3.01
CA ILE A 177 -12.30 -6.60 2.14
C ILE A 177 -11.18 -5.96 2.94
N LEU A 178 -11.52 -5.35 4.06
CA LEU A 178 -10.48 -4.74 4.89
C LEU A 178 -9.48 -5.79 5.36
N GLU A 179 -9.96 -7.01 5.66
CA GLU A 179 -9.06 -8.12 5.97
C GLU A 179 -8.18 -8.47 4.77
N LEU A 180 -8.75 -8.48 3.56
CA LEU A 180 -7.91 -8.72 2.39
C LEU A 180 -6.85 -7.63 2.22
N TYR A 181 -7.18 -6.38 2.56
CA TYR A 181 -6.19 -5.32 2.48
C TYR A 181 -5.09 -5.50 3.54
N ARG A 182 -5.48 -5.90 4.74
CA ARG A 182 -4.48 -6.26 5.75
C ARG A 182 -3.54 -7.34 5.23
N ARG A 183 -4.08 -8.30 4.49
CA ARG A 183 -3.22 -9.36 3.96
C ARG A 183 -2.36 -8.85 2.82
N TRP A 184 -2.92 -7.95 2.00
CA TRP A 184 -2.13 -7.28 0.96
C TRP A 184 -0.86 -6.63 1.55
N TYR A 185 -1.02 -5.90 2.66
CA TYR A 185 0.15 -5.21 3.21
C TYR A 185 1.02 -6.14 4.03
N GLU A 186 0.42 -6.80 5.03
CA GLU A 186 1.20 -7.60 5.97
C GLU A 186 1.69 -8.90 5.34
N GLU A 187 0.82 -9.62 4.63
CA GLU A 187 1.18 -10.93 4.09
C GLU A 187 2.12 -10.81 2.88
N CYS A 188 1.74 -10.02 1.88
CA CYS A 188 2.56 -9.92 0.67
C CYS A 188 3.73 -8.95 0.86
N LEU A 189 3.48 -7.78 1.44
CA LEU A 189 4.44 -6.69 1.44
C LEU A 189 5.20 -6.60 2.75
N ALA A 190 4.84 -7.38 3.76
CA ALA A 190 5.50 -7.41 5.06
C ALA A 190 5.43 -6.06 5.76
N VAL A 191 4.42 -5.26 5.45
CA VAL A 191 4.19 -3.97 6.09
C VAL A 191 3.06 -4.12 7.12
N PRO A 192 3.30 -3.84 8.39
CA PRO A 192 2.22 -3.91 9.37
C PRO A 192 1.30 -2.72 9.25
N VAL A 193 0.00 -2.95 9.46
CA VAL A 193 -0.98 -1.88 9.42
C VAL A 193 -1.92 -2.04 10.60
N ILE A 194 -2.71 -1.00 10.83
CA ILE A 194 -3.69 -0.97 11.91
C ILE A 194 -5.06 -0.80 11.28
N LYS A 195 -6.00 -1.67 11.67
CA LYS A 195 -7.37 -1.56 11.20
C LYS A 195 -8.11 -0.55 12.05
N GLY A 196 -8.84 0.35 11.39
CA GLY A 196 -9.55 1.36 12.14
C GLY A 196 -10.78 1.84 11.40
N GLU A 197 -11.54 2.64 12.13
CA GLU A 197 -12.66 3.38 11.58
C GLU A 197 -12.26 4.85 11.54
N LYS A 198 -12.57 5.52 10.45
CA LYS A 198 -12.30 6.94 10.34
C LYS A 198 -13.36 7.75 11.06
N SER A 199 -12.94 8.89 11.61
CA SER A 199 -13.87 9.84 12.23
C SER A 199 -14.88 10.31 11.20
N GLU A 200 -15.97 10.88 11.69
CA GLU A 200 -16.97 11.41 10.75
C GLU A 200 -16.44 12.62 10.01
N GLY A 201 -15.43 13.30 10.57
CA GLY A 201 -14.79 14.42 9.90
C GLY A 201 -13.86 14.01 8.77
N GLU A 202 -13.37 12.77 8.75
CA GLU A 202 -12.47 12.31 7.71
C GLU A 202 -13.08 11.23 6.83
N LYS A 203 -14.31 10.81 7.10
CA LYS A 203 -14.90 9.71 6.33
C LYS A 203 -15.28 10.15 4.91
N PHE A 204 -15.40 9.15 4.04
CA PHE A 204 -15.77 9.35 2.64
C PHE A 204 -17.01 10.25 2.51
N ALA A 205 -16.98 11.10 1.47
CA ALA A 205 -18.11 11.98 1.16
C ALA A 205 -19.32 11.18 0.67
N GLY A 206 -20.40 11.19 1.44
CA GLY A 206 -21.60 10.50 1.06
C GLY A 206 -21.76 9.10 1.61
N GLY A 207 -20.75 8.56 2.29
CA GLY A 207 -20.85 7.24 2.89
C GLY A 207 -21.41 7.28 4.31
N LYS A 208 -21.65 6.09 4.85
CA LYS A 208 -22.08 5.94 6.24
C LYS A 208 -20.93 5.72 7.22
N LYS A 209 -20.00 4.81 6.89
CA LYS A 209 -18.87 4.49 7.74
C LYS A 209 -17.70 4.04 6.88
N THR A 210 -16.55 4.68 7.07
CA THR A 210 -15.33 4.35 6.35
C THR A 210 -14.37 3.63 7.29
N THR A 211 -13.95 2.43 6.87
CA THR A 211 -12.87 1.71 7.55
C THR A 211 -11.59 1.85 6.75
N THR A 212 -10.47 1.58 7.41
CA THR A 212 -9.18 1.82 6.79
C THR A 212 -8.13 0.94 7.45
N VAL A 213 -7.05 0.71 6.71
CA VAL A 213 -5.80 0.22 7.29
C VAL A 213 -4.79 1.35 7.21
N GLU A 214 -4.16 1.67 8.35
CA GLU A 214 -3.19 2.74 8.46
C GLU A 214 -1.78 2.16 8.56
N ALA A 215 -0.84 2.77 7.85
CA ALA A 215 0.58 2.47 7.98
C ALA A 215 1.32 3.69 8.55
N PHE A 216 2.59 3.49 8.90
CA PHE A 216 3.37 4.51 9.60
C PHE A 216 4.76 4.61 8.99
N ILE A 217 5.23 5.84 8.79
CA ILE A 217 6.56 6.13 8.25
C ILE A 217 7.40 6.73 9.37
N PRO A 218 8.28 5.92 9.98
CA PRO A 218 9.06 6.41 11.12
C PRO A 218 9.95 7.59 10.84
N GLU A 219 10.51 7.68 9.63
CA GLU A 219 11.57 8.65 9.40
C GLU A 219 11.03 10.08 9.36
N ASN A 220 9.77 10.26 8.94
CA ASN A 220 9.10 11.56 9.08
C ASN A 220 7.94 11.51 10.08
N GLY A 221 7.70 10.37 10.71
CA GLY A 221 6.71 10.32 11.77
C GLY A 221 5.27 10.41 11.30
N ARG A 222 4.99 9.99 10.07
CA ARG A 222 3.73 10.29 9.42
C ARG A 222 2.93 9.02 9.19
N GLY A 223 1.69 9.01 9.63
CA GLY A 223 0.79 7.97 9.22
C GLY A 223 0.30 8.19 7.80
N ILE A 224 -0.09 7.09 7.16
CA ILE A 224 -0.60 7.16 5.80
C ILE A 224 -1.72 6.14 5.67
N GLN A 225 -2.78 6.55 4.98
CA GLN A 225 -3.96 5.73 4.77
C GLN A 225 -3.63 4.72 3.67
N ALA A 226 -3.35 3.47 4.06
CA ALA A 226 -2.85 2.50 3.10
C ALA A 226 -3.95 2.00 2.16
N ALA A 227 -5.19 1.86 2.66
CA ALA A 227 -6.32 1.40 1.85
C ALA A 227 -7.61 1.72 2.61
N THR A 228 -8.73 1.62 1.88
CA THR A 228 -10.00 2.09 2.37
C THR A 228 -11.11 1.15 1.95
N SER A 229 -12.08 0.97 2.85
CA SER A 229 -13.23 0.11 2.60
C SER A 229 -14.44 0.80 3.22
N HIS A 230 -15.33 1.31 2.38
CA HIS A 230 -16.45 2.15 2.82
C HIS A 230 -17.74 1.34 2.87
N LEU A 231 -18.46 1.48 3.99
CA LEU A 231 -19.88 1.18 4.03
C LEU A 231 -20.62 2.40 3.53
N LEU A 232 -21.13 2.32 2.31
CA LEU A 232 -21.97 3.39 1.75
C LEU A 232 -23.39 3.32 2.29
N GLY A 233 -23.85 2.13 2.65
CA GLY A 233 -25.22 2.04 3.11
C GLY A 233 -26.16 2.37 1.96
N THR A 234 -27.21 3.13 2.25
CA THR A 234 -28.24 3.45 1.28
C THR A 234 -28.13 4.86 0.73
N ASN A 235 -27.06 5.59 1.08
CA ASN A 235 -26.95 6.99 0.67
C ASN A 235 -26.85 7.12 -0.84
N PHE A 236 -25.93 6.38 -1.45
CA PHE A 236 -25.79 6.41 -2.91
C PHE A 236 -27.02 5.81 -3.60
N ALA A 237 -27.66 4.80 -2.99
CA ALA A 237 -28.87 4.24 -3.57
C ALA A 237 -29.96 5.28 -3.71
N LYS A 238 -30.15 6.11 -2.67
CA LYS A 238 -31.09 7.23 -2.76
C LYS A 238 -30.71 8.18 -3.88
N MET A 239 -29.44 8.60 -3.92
CA MET A 239 -29.01 9.50 -4.99
C MET A 239 -29.31 8.94 -6.39
N PHE A 240 -29.08 7.64 -6.60
CA PHE A 240 -29.20 7.04 -7.92
C PHE A 240 -30.42 6.16 -8.09
N GLU A 241 -31.31 6.10 -7.10
CA GLU A 241 -32.54 5.29 -7.14
C GLU A 241 -32.25 3.84 -7.51
N ILE A 242 -31.49 3.19 -6.65
CA ILE A 242 -31.16 1.78 -6.82
C ILE A 242 -31.96 1.00 -5.80
N GLU A 243 -32.94 0.27 -6.29
CA GLU A 243 -33.93 -0.39 -5.46
C GLU A 243 -34.16 -1.80 -5.99
N PHE A 244 -34.44 -2.71 -5.07
CA PHE A 244 -34.79 -4.08 -5.38
C PHE A 244 -36.16 -4.38 -4.81
N GLU A 245 -36.87 -5.30 -5.45
CA GLU A 245 -38.16 -5.79 -4.98
C GLU A 245 -37.95 -7.06 -4.18
N ASP A 246 -38.59 -7.12 -3.01
CA ASP A 246 -38.59 -8.34 -2.22
C ASP A 246 -39.61 -9.33 -2.77
N GLU A 247 -39.69 -10.51 -2.17
CA GLU A 247 -40.68 -11.47 -2.63
C GLU A 247 -42.09 -10.98 -2.39
N GLU A 248 -42.24 -9.95 -1.59
CA GLU A 248 -43.57 -9.45 -1.33
C GLU A 248 -44.03 -8.49 -2.40
N GLY A 249 -43.12 -7.69 -2.90
CA GLY A 249 -43.43 -6.77 -3.97
C GLY A 249 -42.91 -5.36 -3.71
N HIS A 250 -42.49 -5.13 -2.47
CA HIS A 250 -42.15 -3.78 -2.01
C HIS A 250 -40.73 -3.42 -2.44
N LYS A 251 -40.57 -2.21 -2.98
CA LYS A 251 -39.26 -1.75 -3.39
C LYS A 251 -38.50 -1.19 -2.19
N ARG A 252 -37.19 -1.52 -2.13
CA ARG A 252 -36.33 -1.17 -1.02
C ARG A 252 -34.95 -0.76 -1.54
N LEU A 253 -34.28 0.09 -0.78
CA LEU A 253 -32.97 0.58 -1.20
C LEU A 253 -31.92 -0.49 -0.92
N VAL A 254 -30.99 -0.67 -1.87
CA VAL A 254 -29.85 -1.55 -1.64
C VAL A 254 -28.83 -0.88 -0.72
N HIS A 255 -27.96 -1.70 -0.13
CA HIS A 255 -26.93 -1.27 0.80
C HIS A 255 -25.57 -1.57 0.18
N GLN A 256 -24.75 -0.54 0.04
CA GLN A 256 -23.63 -0.60 -0.85
C GLN A 256 -22.33 -0.41 -0.10
N THR A 257 -21.27 -0.92 -0.75
CA THR A 257 -19.89 -0.78 -0.35
C THR A 257 -19.07 -0.29 -1.53
N SER A 258 -17.99 0.39 -1.22
CA SER A 258 -16.96 0.63 -2.20
C SER A 258 -15.63 0.61 -1.47
N TRP A 259 -14.58 0.19 -2.19
CA TRP A 259 -13.30 -0.08 -1.57
C TRP A 259 -12.20 0.01 -2.62
N GLY A 260 -11.04 0.50 -2.22
CA GLY A 260 -10.00 0.76 -3.20
C GLY A 260 -8.63 0.66 -2.60
N CYS A 261 -7.66 0.39 -3.46
CA CYS A 261 -6.27 0.35 -3.03
C CYS A 261 -5.41 0.57 -4.27
N THR A 262 -4.23 1.20 -4.06
CA THR A 262 -3.45 1.81 -5.15
C THR A 262 -1.96 1.48 -5.05
N THR A 263 -1.21 1.92 -6.08
CA THR A 263 0.25 1.81 -6.11
C THR A 263 0.92 2.55 -4.94
N ARG A 264 0.18 3.34 -4.16
CA ARG A 264 0.71 3.84 -2.89
C ARG A 264 1.32 2.69 -2.08
N SER A 265 0.71 1.51 -2.13
CA SER A 265 1.19 0.40 -1.33
C SER A 265 2.65 0.10 -1.65
N LEU A 266 3.03 0.21 -2.93
CA LEU A 266 4.43 0.01 -3.31
C LEU A 266 5.35 0.98 -2.55
N GLY A 267 5.03 2.28 -2.60
CA GLY A 267 5.82 3.25 -1.87
C GLY A 267 5.96 2.87 -0.42
N VAL A 268 4.86 2.42 0.20
CA VAL A 268 4.91 2.15 1.62
C VAL A 268 5.83 0.97 1.90
N MET A 269 5.86 -0.01 0.99
CA MET A 269 6.80 -1.11 1.14
C MET A 269 8.23 -0.61 1.06
N ILE A 270 8.51 0.22 0.04
CA ILE A 270 9.89 0.70 -0.14
C ILE A 270 10.37 1.39 1.13
N MET A 271 9.67 2.44 1.55
CA MET A 271 10.06 3.16 2.75
C MET A 271 10.16 2.24 3.96
N THR A 272 9.34 1.18 4.03
CA THR A 272 9.37 0.34 5.23
C THR A 272 10.64 -0.50 5.29
N HIS A 273 11.06 -1.08 4.17
CA HIS A 273 12.10 -2.09 4.25
C HIS A 273 13.46 -1.63 3.76
N GLY A 274 13.52 -0.56 2.97
CA GLY A 274 14.79 -0.14 2.40
C GLY A 274 15.80 0.24 3.46
N ASP A 275 17.08 0.22 3.07
CA ASP A 275 18.18 0.59 3.95
C ASP A 275 19.15 1.48 3.16
N ASP A 276 20.34 1.69 3.71
CA ASP A 276 21.29 2.61 3.08
C ASP A 276 21.83 2.07 1.76
N LYS A 277 21.91 0.75 1.59
CA LYS A 277 22.26 0.23 0.28
C LYS A 277 21.11 0.35 -0.72
N GLY A 278 19.86 0.50 -0.26
CA GLY A 278 18.76 0.72 -1.17
C GLY A 278 17.53 -0.14 -0.92
N LEU A 279 16.90 -0.63 -1.98
CA LEU A 279 15.69 -1.42 -1.85
C LEU A 279 15.96 -2.73 -1.10
N VAL A 280 14.93 -3.18 -0.40
CA VAL A 280 14.84 -4.50 0.22
C VAL A 280 13.41 -4.94 -0.04
N ILE A 281 13.22 -5.86 -0.97
CA ILE A 281 11.90 -6.28 -1.41
C ILE A 281 11.56 -7.62 -0.76
N PRO A 282 10.40 -7.75 -0.14
CA PRO A 282 10.02 -9.02 0.49
C PRO A 282 9.97 -10.13 -0.53
N PRO A 283 10.46 -11.32 -0.17
CA PRO A 283 10.48 -12.46 -1.10
C PRO A 283 9.14 -12.80 -1.72
N ARG A 284 8.05 -12.54 -1.02
CA ARG A 284 6.75 -12.92 -1.55
C ARG A 284 6.40 -12.14 -2.81
N VAL A 285 6.94 -10.93 -3.00
CA VAL A 285 6.56 -10.18 -4.19
C VAL A 285 7.75 -9.83 -5.08
N ALA A 286 8.96 -10.29 -4.73
CA ALA A 286 10.12 -10.07 -5.59
C ALA A 286 9.98 -10.82 -6.90
N SER A 287 10.24 -10.15 -8.02
CA SER A 287 10.21 -10.87 -9.28
C SER A 287 11.48 -11.71 -9.48
N VAL A 288 12.59 -11.32 -8.87
CA VAL A 288 13.78 -12.15 -8.71
C VAL A 288 13.96 -12.38 -7.21
N GLN A 289 13.78 -13.63 -6.77
CA GLN A 289 14.08 -14.01 -5.40
C GLN A 289 15.55 -14.38 -5.20
N VAL A 290 16.13 -15.09 -6.16
CA VAL A 290 17.52 -15.48 -6.09
C VAL A 290 18.17 -15.04 -7.39
N VAL A 291 19.22 -14.22 -7.26
CA VAL A 291 20.12 -13.92 -8.37
C VAL A 291 21.37 -14.74 -8.17
N ILE A 292 21.71 -15.52 -9.19
CA ILE A 292 22.87 -16.40 -9.18
C ILE A 292 24.01 -15.70 -9.90
N ILE A 293 25.11 -15.49 -9.20
CA ILE A 293 26.28 -14.79 -9.75
C ILE A 293 27.44 -15.77 -9.86
N PRO A 294 27.78 -16.23 -11.06
CA PRO A 294 28.98 -17.07 -11.20
C PRO A 294 30.22 -16.21 -11.05
N ILE A 295 31.20 -16.75 -10.34
CA ILE A 295 32.55 -16.20 -10.38
C ILE A 295 33.21 -16.65 -11.67
N LEU A 296 33.92 -15.73 -12.33
CA LEU A 296 34.43 -15.94 -13.70
C LEU A 296 35.90 -15.52 -13.82
N PHE A 297 36.76 -16.21 -13.08
CA PHE A 297 38.19 -16.10 -13.29
C PHE A 297 38.51 -16.45 -14.74
N LYS A 298 39.50 -15.76 -15.31
CA LYS A 298 39.92 -16.10 -16.66
C LYS A 298 40.59 -17.47 -16.69
N ASP A 299 41.23 -17.85 -15.59
CA ASP A 299 41.95 -19.11 -15.46
C ASP A 299 41.07 -20.14 -14.77
N GLU A 300 39.94 -20.46 -15.41
CA GLU A 300 38.99 -21.39 -14.83
C GLU A 300 38.12 -21.97 -15.95
N ASN A 301 37.52 -23.12 -15.68
CA ASN A 301 36.60 -23.76 -16.61
C ASN A 301 35.27 -23.03 -16.51
N THR A 302 35.09 -21.99 -17.33
CA THR A 302 33.91 -21.15 -17.20
C THR A 302 32.65 -21.87 -17.68
N GLY A 303 32.75 -22.62 -18.77
CA GLY A 303 31.59 -23.36 -19.25
C GLY A 303 31.03 -24.28 -18.19
N GLU A 304 31.91 -24.91 -17.41
CA GLU A 304 31.46 -25.78 -16.34
C GLU A 304 30.71 -25.01 -15.27
N ILE A 305 31.29 -23.90 -14.81
CA ILE A 305 30.65 -23.07 -13.79
C ILE A 305 29.27 -22.59 -14.27
N LEU A 306 29.18 -22.17 -15.53
CA LEU A 306 27.91 -21.67 -16.03
C LEU A 306 26.90 -22.80 -16.19
N GLY A 307 27.35 -23.97 -16.64
CA GLY A 307 26.49 -25.13 -16.71
C GLY A 307 25.89 -25.46 -15.35
N LYS A 308 26.71 -25.42 -14.30
CA LYS A 308 26.16 -25.73 -12.99
C LYS A 308 25.20 -24.65 -12.49
N CYS A 309 25.44 -23.37 -12.84
CA CYS A 309 24.46 -22.33 -12.52
C CYS A 309 23.13 -22.59 -13.21
N ARG A 310 23.16 -22.98 -14.48
CA ARG A 310 21.92 -23.31 -15.18
C ARG A 310 21.22 -24.48 -14.52
N GLU A 311 21.97 -25.49 -14.10
CA GLU A 311 21.37 -26.63 -13.41
C GLU A 311 20.70 -26.17 -12.12
N LEU A 312 21.42 -25.42 -11.29
CA LEU A 312 20.82 -24.90 -10.06
C LEU A 312 19.61 -24.03 -10.34
N LYS A 313 19.60 -23.29 -11.45
CA LYS A 313 18.43 -22.50 -11.79
C LYS A 313 17.22 -23.39 -12.01
N THR A 314 17.37 -24.43 -12.83
CA THR A 314 16.21 -25.28 -13.08
C THR A 314 15.80 -26.02 -11.81
N MET A 315 16.79 -26.42 -10.99
CA MET A 315 16.49 -27.11 -9.74
C MET A 315 15.70 -26.23 -8.78
N LEU A 316 16.07 -24.95 -8.69
CA LEU A 316 15.32 -24.06 -7.81
C LEU A 316 13.95 -23.74 -8.39
N GLU A 317 13.88 -23.51 -9.71
CA GLU A 317 12.62 -23.16 -10.34
C GLU A 317 11.61 -24.30 -10.29
N LYS A 318 12.07 -25.56 -10.13
CA LYS A 318 11.08 -26.62 -9.92
C LYS A 318 10.44 -26.53 -8.54
N ALA A 319 11.10 -25.90 -7.56
CA ALA A 319 10.47 -25.54 -6.30
C ALA A 319 9.77 -24.19 -6.34
N ASP A 320 9.59 -23.64 -7.54
CA ASP A 320 8.86 -22.39 -7.77
C ASP A 320 9.60 -21.18 -7.22
N ILE A 321 10.94 -21.24 -7.21
CA ILE A 321 11.76 -20.13 -6.79
C ILE A 321 12.13 -19.33 -8.03
N ARG A 322 11.98 -18.01 -7.95
CA ARG A 322 12.17 -17.13 -9.10
C ARG A 322 13.64 -16.69 -9.18
N VAL A 323 14.32 -17.15 -10.23
CA VAL A 323 15.78 -17.09 -10.32
C VAL A 323 16.18 -16.34 -11.57
N ARG A 324 17.20 -15.51 -11.44
CA ARG A 324 17.88 -14.89 -12.57
C ARG A 324 19.38 -15.21 -12.45
N ILE A 325 20.00 -15.61 -13.56
CA ILE A 325 21.46 -15.78 -13.62
C ILE A 325 22.05 -14.53 -14.26
N ASP A 326 22.98 -13.89 -13.55
CA ASP A 326 23.74 -12.75 -14.09
C ASP A 326 25.13 -13.25 -14.48
N ASP A 327 25.27 -13.72 -15.72
CA ASP A 327 26.53 -14.27 -16.22
C ASP A 327 27.31 -13.26 -17.08
N ARG A 328 27.08 -11.96 -16.91
CA ARG A 328 27.75 -10.98 -17.75
C ARG A 328 29.23 -10.91 -17.38
N SER A 329 30.10 -11.10 -18.37
CA SER A 329 31.53 -11.08 -18.10
C SER A 329 32.12 -9.67 -18.02
N ASN A 330 31.41 -8.66 -18.52
CA ASN A 330 32.00 -7.32 -18.51
C ASN A 330 31.81 -6.57 -17.19
N TYR A 331 31.31 -7.23 -16.14
CA TYR A 331 31.16 -6.63 -14.83
C TYR A 331 31.75 -7.56 -13.81
N THR A 332 32.45 -7.00 -12.84
CA THR A 332 32.99 -7.78 -11.74
C THR A 332 31.88 -8.29 -10.83
N PRO A 333 32.15 -9.33 -10.05
CA PRO A 333 31.13 -9.76 -9.09
C PRO A 333 30.79 -8.70 -8.05
N GLY A 334 31.71 -7.79 -7.73
CA GLY A 334 31.38 -6.76 -6.76
C GLY A 334 30.41 -5.74 -7.31
N TRP A 335 30.58 -5.39 -8.59
CA TRP A 335 29.61 -4.54 -9.26
C TRP A 335 28.22 -5.16 -9.22
N LYS A 336 28.14 -6.48 -9.47
CA LYS A 336 26.85 -7.16 -9.51
C LYS A 336 26.25 -7.29 -8.11
N TYR A 337 27.11 -7.53 -7.12
CA TYR A 337 26.64 -7.54 -5.73
C TYR A 337 25.91 -6.23 -5.44
N ASN A 338 26.60 -5.10 -5.68
CA ASN A 338 25.95 -3.81 -5.45
C ASN A 338 24.71 -3.62 -6.32
N HIS A 339 24.76 -4.06 -7.58
CA HIS A 339 23.67 -3.79 -8.51
C HIS A 339 22.38 -4.49 -8.08
N TRP A 340 22.48 -5.74 -7.63
CA TRP A 340 21.26 -6.44 -7.22
C TRP A 340 20.88 -6.13 -5.78
N GLU A 341 21.83 -5.69 -4.95
CA GLU A 341 21.44 -5.15 -3.65
C GLU A 341 20.62 -3.87 -3.80
N VAL A 342 21.03 -2.99 -4.71
CA VAL A 342 20.30 -1.75 -4.92
C VAL A 342 18.88 -2.05 -5.39
N LYS A 343 18.69 -3.06 -6.24
CA LYS A 343 17.34 -3.40 -6.64
C LYS A 343 16.64 -4.28 -5.63
N GLY A 344 17.29 -4.64 -4.52
CA GLY A 344 16.60 -5.31 -3.43
C GLY A 344 16.37 -6.80 -3.60
N VAL A 345 17.17 -7.49 -4.40
CA VAL A 345 16.94 -8.93 -4.53
C VAL A 345 17.19 -9.61 -3.18
N PRO A 346 16.29 -10.43 -2.68
CA PRO A 346 16.44 -10.87 -1.27
C PRO A 346 17.57 -11.88 -1.04
N LEU A 347 17.90 -12.73 -2.02
CA LEU A 347 18.98 -13.70 -1.88
C LEU A 347 19.94 -13.63 -3.04
N ARG A 348 21.24 -13.72 -2.74
CA ARG A 348 22.28 -13.78 -3.76
C ARG A 348 23.01 -15.12 -3.62
N LEU A 349 23.16 -15.84 -4.73
CA LEU A 349 23.85 -17.12 -4.74
C LEU A 349 25.12 -17.00 -5.57
N GLU A 350 26.28 -17.19 -4.92
CA GLU A 350 27.60 -17.14 -5.52
C GLU A 350 28.13 -18.56 -5.69
N LEU A 351 28.75 -18.81 -6.85
CA LEU A 351 29.24 -20.13 -7.22
C LEU A 351 30.52 -19.99 -8.04
N GLY A 352 31.65 -20.46 -7.49
CA GLY A 352 32.93 -20.45 -8.17
C GLY A 352 33.57 -21.83 -8.17
N PRO A 353 34.83 -21.91 -8.65
CA PRO A 353 35.52 -23.22 -8.70
C PRO A 353 35.68 -23.92 -7.36
N LYS A 354 35.92 -23.17 -6.27
CA LYS A 354 36.02 -23.76 -4.94
C LYS A 354 34.68 -24.35 -4.50
N ASP A 355 33.61 -23.56 -4.64
CA ASP A 355 32.27 -24.05 -4.34
C ASP A 355 31.94 -25.29 -5.15
N LEU A 356 32.24 -25.25 -6.45
CA LEU A 356 32.00 -26.41 -7.30
C LEU A 356 32.74 -27.64 -6.79
N ALA A 357 34.04 -27.49 -6.52
CA ALA A 357 34.81 -28.62 -6.03
C ALA A 357 34.22 -29.19 -4.75
N LYS A 358 33.63 -28.34 -3.91
CA LYS A 358 33.03 -28.82 -2.68
C LYS A 358 31.53 -29.13 -2.80
N GLY A 359 30.94 -28.89 -3.96
CA GLY A 359 29.53 -29.22 -4.14
C GLY A 359 28.58 -28.33 -3.36
N THR A 360 29.01 -27.14 -2.97
CA THR A 360 28.17 -26.21 -2.22
C THR A 360 28.01 -24.91 -3.00
N ALA A 361 27.23 -23.99 -2.42
CA ALA A 361 27.07 -22.64 -2.92
C ALA A 361 27.07 -21.68 -1.75
N ARG A 362 27.45 -20.42 -1.99
CA ARG A 362 27.38 -19.38 -0.97
C ARG A 362 26.12 -18.53 -1.18
N VAL A 363 25.35 -18.32 -0.12
CA VAL A 363 24.12 -17.55 -0.22
C VAL A 363 24.20 -16.41 0.77
N VAL A 364 23.85 -15.21 0.32
CA VAL A 364 23.87 -14.01 1.15
C VAL A 364 22.47 -13.39 1.13
N ARG A 365 21.91 -13.17 2.30
CA ARG A 365 20.56 -12.64 2.41
C ARG A 365 20.64 -11.12 2.49
N ARG A 366 19.67 -10.46 1.85
CA ARG A 366 19.79 -9.04 1.59
C ARG A 366 19.48 -8.21 2.84
N ASP A 367 18.70 -8.75 3.78
CA ASP A 367 18.20 -7.95 4.89
C ASP A 367 19.28 -7.70 5.93
N THR A 368 20.01 -8.75 6.29
CA THR A 368 21.03 -8.71 7.33
C THR A 368 22.45 -8.83 6.82
N GLY A 369 22.65 -9.29 5.58
CA GLY A 369 23.98 -9.58 5.06
C GLY A 369 24.55 -10.91 5.47
N GLU A 370 23.80 -11.74 6.20
CA GLU A 370 24.33 -13.01 6.66
C GLU A 370 24.63 -13.95 5.50
N ALA A 371 25.71 -14.72 5.64
CA ALA A 371 26.16 -15.66 4.64
C ALA A 371 26.00 -17.09 5.13
N TYR A 372 25.74 -18.00 4.18
CA TYR A 372 25.54 -19.41 4.45
C TYR A 372 26.24 -20.20 3.35
N GLN A 373 26.64 -21.43 3.69
CA GLN A 373 27.18 -22.38 2.72
C GLN A 373 26.21 -23.55 2.68
N ILE A 374 25.62 -23.83 1.52
CA ILE A 374 24.57 -24.82 1.39
C ILE A 374 24.98 -25.83 0.32
N SER A 375 24.91 -27.11 0.66
CA SER A 375 25.10 -28.12 -0.36
C SER A 375 23.94 -28.09 -1.36
N TRP A 376 24.26 -28.46 -2.61
CA TRP A 376 23.27 -28.37 -3.68
C TRP A 376 22.00 -29.13 -3.33
N ALA A 377 22.14 -30.30 -2.71
CA ALA A 377 20.97 -31.13 -2.41
C ALA A 377 20.00 -30.40 -1.49
N ASP A 378 20.52 -29.67 -0.51
CA ASP A 378 19.69 -28.89 0.41
C ASP A 378 19.38 -27.51 -0.11
N LEU A 379 19.77 -27.16 -1.33
CA LEU A 379 19.61 -25.79 -1.78
C LEU A 379 18.14 -25.36 -1.77
N ALA A 380 17.28 -26.09 -2.49
CA ALA A 380 15.87 -25.69 -2.57
C ALA A 380 15.18 -25.64 -1.22
N PRO A 381 15.23 -26.68 -0.37
CA PRO A 381 14.55 -26.54 0.93
C PRO A 381 15.16 -25.45 1.80
N LYS A 382 16.48 -25.27 1.76
CA LYS A 382 17.09 -24.29 2.65
C LYS A 382 16.70 -22.88 2.24
N LEU A 383 16.86 -22.54 0.95
CA LEU A 383 16.47 -21.22 0.46
C LEU A 383 14.99 -20.93 0.75
N LEU A 384 14.11 -21.91 0.50
CA LEU A 384 12.71 -21.74 0.89
C LEU A 384 12.59 -21.32 2.34
N GLU A 385 13.22 -22.08 3.25
CA GLU A 385 13.15 -21.71 4.66
C GLU A 385 13.71 -20.32 4.89
N LEU A 386 14.76 -19.94 4.16
CA LEU A 386 15.36 -18.64 4.35
C LEU A 386 14.45 -17.52 3.83
N MET A 387 13.71 -17.75 2.75
CA MET A 387 12.88 -16.68 2.22
C MET A 387 11.74 -16.35 3.19
N GLU A 388 11.06 -17.40 3.70
CA GLU A 388 10.13 -17.19 4.81
C GLU A 388 10.83 -16.58 6.02
N GLY A 389 12.11 -16.91 6.24
CA GLY A 389 12.86 -16.25 7.29
C GLY A 389 12.99 -14.76 7.06
N ILE A 390 13.28 -14.37 5.82
CA ILE A 390 13.48 -12.95 5.52
C ILE A 390 12.16 -12.19 5.65
N GLN A 391 11.13 -12.67 4.93
CA GLN A 391 9.77 -12.14 5.03
C GLN A 391 9.32 -11.92 6.47
N ARG A 392 9.28 -13.01 7.24
CA ARG A 392 8.93 -12.91 8.65
C ARG A 392 9.72 -11.81 9.34
N SER A 393 11.05 -11.83 9.19
CA SER A 393 11.85 -10.86 9.94
C SER A 393 11.53 -9.44 9.47
N LEU A 394 11.40 -9.25 8.15
CA LEU A 394 11.05 -7.92 7.63
C LEU A 394 9.78 -7.41 8.30
N PHE A 395 8.80 -8.31 8.49
CA PHE A 395 7.54 -7.89 9.10
C PHE A 395 7.73 -7.54 10.56
N GLU A 396 8.42 -8.41 11.31
CA GLU A 396 8.42 -8.26 12.76
C GLU A 396 9.21 -7.03 13.18
N LYS A 397 10.36 -6.79 12.53
CA LYS A 397 11.10 -5.56 12.76
C LYS A 397 10.23 -4.35 12.45
N ALA A 398 9.55 -4.37 11.30
CA ALA A 398 8.64 -3.27 10.99
C ALA A 398 7.55 -3.15 12.06
N LYS A 399 7.03 -4.29 12.52
CA LYS A 399 6.02 -4.24 13.57
C LYS A 399 6.59 -3.59 14.82
N ALA A 400 7.82 -3.96 15.19
CA ALA A 400 8.49 -3.29 16.30
C ALA A 400 8.50 -1.78 16.08
N ARG A 401 8.99 -1.32 14.92
CA ARG A 401 9.07 0.11 14.69
C ARG A 401 7.68 0.75 14.70
N LEU A 402 6.64 -0.01 14.36
CA LEU A 402 5.30 0.52 14.49
C LEU A 402 4.95 0.77 15.95
N HIS A 403 5.15 -0.22 16.81
CA HIS A 403 4.65 -0.09 18.17
C HIS A 403 5.47 0.90 18.96
N GLU A 404 6.78 0.98 18.69
CA GLU A 404 7.63 1.99 19.29
C GLU A 404 7.34 3.39 18.76
N GLY A 405 6.54 3.50 17.68
CA GLY A 405 6.18 4.79 17.12
C GLY A 405 4.92 5.39 17.67
N ILE A 406 4.19 4.66 18.51
CA ILE A 406 2.91 5.10 19.05
C ILE A 406 3.06 5.26 20.56
N GLU A 407 2.79 6.47 21.05
CA GLU A 407 2.73 6.75 22.48
C GLU A 407 1.29 6.82 22.96
N LYS A 408 0.99 6.08 24.02
CA LYS A 408 -0.31 6.16 24.67
C LYS A 408 -0.29 7.34 25.64
N ILE A 409 -1.26 8.24 25.53
CA ILE A 409 -1.25 9.47 26.32
C ILE A 409 -2.61 9.69 26.98
N SER A 410 -2.63 10.59 27.97
CA SER A 410 -3.86 10.94 28.69
C SER A 410 -4.29 12.39 28.51
N THR A 411 -3.36 13.31 28.28
CA THR A 411 -3.61 14.75 28.28
C THR A 411 -3.08 15.36 26.99
N PHE A 412 -3.61 16.55 26.66
CA PHE A 412 -3.13 17.27 25.47
C PHE A 412 -1.72 17.78 25.65
N ASP A 413 -1.31 18.03 26.90
CA ASP A 413 0.05 18.43 27.22
C ASP A 413 1.08 17.45 26.68
N GLU A 414 0.72 16.20 26.47
CA GLU A 414 1.64 15.18 25.98
C GLU A 414 1.68 15.07 24.46
N VAL A 415 0.96 15.93 23.75
CA VAL A 415 0.90 15.82 22.29
C VAL A 415 2.21 16.30 21.68
N MET A 416 2.54 17.57 21.88
CA MET A 416 3.68 18.17 21.21
C MET A 416 5.00 17.42 21.46
N PRO A 417 5.34 17.02 22.70
CA PRO A 417 6.59 16.24 22.84
C PRO A 417 6.54 14.91 22.09
N ALA A 418 5.34 14.33 21.93
CA ALA A 418 5.25 13.08 21.17
C ALA A 418 5.38 13.33 19.68
N LEU A 419 4.88 14.47 19.20
CA LEU A 419 5.04 14.81 17.78
C LEU A 419 6.50 15.19 17.47
N ASN A 420 7.18 15.87 18.40
CA ASN A 420 8.56 16.25 18.12
C ASN A 420 9.49 15.05 18.03
N ARG A 421 9.10 13.91 18.58
CA ARG A 421 9.84 12.67 18.42
C ARG A 421 9.36 11.85 17.23
N LYS A 422 8.53 12.43 16.35
CA LYS A 422 8.05 11.74 15.14
C LYS A 422 7.13 10.56 15.49
N HIS A 423 6.40 10.65 16.58
CA HIS A 423 5.53 9.57 17.02
C HIS A 423 4.05 9.89 16.74
N LEU A 424 3.23 8.85 16.77
CA LEU A 424 1.78 8.98 16.81
C LEU A 424 1.31 8.96 18.26
N VAL A 425 0.06 9.36 18.48
CA VAL A 425 -0.50 9.33 19.82
C VAL A 425 -1.78 8.49 19.80
N LEU A 426 -1.95 7.66 20.81
CA LEU A 426 -3.18 6.93 21.07
C LEU A 426 -3.79 7.57 22.32
N ALA A 427 -4.92 8.23 22.16
CA ALA A 427 -5.47 9.05 23.21
C ALA A 427 -6.95 8.78 23.40
N PRO A 428 -7.46 8.91 24.62
CA PRO A 428 -8.91 8.78 24.84
C PRO A 428 -9.64 10.01 24.34
N TRP A 429 -10.57 9.80 23.40
CA TRP A 429 -11.23 10.89 22.71
C TRP A 429 -12.73 10.71 22.79
N CYS A 430 -13.41 11.87 22.86
CA CYS A 430 -14.86 11.93 22.93
C CYS A 430 -15.51 11.88 21.56
N GLU A 431 -14.74 11.98 20.49
CA GLU A 431 -15.19 11.84 19.10
C GLU A 431 -16.04 13.02 18.62
N ASP A 432 -16.01 14.14 19.33
CA ASP A 432 -16.71 15.34 18.86
C ASP A 432 -15.97 15.94 17.67
N PRO A 433 -16.65 16.20 16.54
CA PRO A 433 -15.92 16.71 15.35
C PRO A 433 -15.27 18.07 15.54
N GLU A 434 -15.99 19.02 16.15
CA GLU A 434 -15.40 20.34 16.39
C GLU A 434 -14.11 20.24 17.19
N SER A 435 -14.02 19.25 18.09
CA SER A 435 -12.76 19.04 18.83
C SER A 435 -11.63 18.66 17.88
N GLU A 436 -11.90 17.81 16.89
CA GLU A 436 -10.84 17.44 15.95
C GLU A 436 -10.36 18.67 15.20
N GLU A 437 -11.29 19.50 14.71
CA GLU A 437 -10.84 20.69 13.99
C GLU A 437 -10.05 21.63 14.88
N GLN A 438 -10.43 21.72 16.12
CA GLN A 438 -9.70 22.56 17.01
C GLN A 438 -8.31 22.05 17.23
N ILE A 439 -8.19 20.76 17.36
CA ILE A 439 -6.92 20.11 17.64
C ILE A 439 -5.97 20.28 16.47
N LYS A 440 -6.48 20.14 15.26
CA LYS A 440 -5.65 20.37 14.08
C LYS A 440 -5.14 21.79 14.05
N LYS A 441 -6.02 22.78 14.22
CA LYS A 441 -5.52 24.13 14.05
C LYS A 441 -4.53 24.51 15.17
N GLU A 442 -4.73 24.00 16.39
CA GLU A 442 -3.80 24.31 17.47
C GLU A 442 -2.46 23.61 17.28
N THR A 443 -2.46 22.32 16.93
CA THR A 443 -1.18 21.65 16.73
C THR A 443 -0.45 22.25 15.53
N GLN A 444 -1.18 22.76 14.55
CA GLN A 444 -0.49 23.40 13.43
C GLN A 444 0.21 24.67 13.88
N LYS A 445 -0.46 25.52 14.69
CA LYS A 445 0.23 26.75 15.11
C LYS A 445 1.39 26.44 16.01
N LEU A 446 1.24 25.45 16.93
CA LEU A 446 2.36 25.04 17.76
C LEU A 446 3.52 24.52 16.91
N SER A 447 3.21 23.82 15.84
CA SER A 447 4.27 23.35 14.96
C SER A 447 4.98 24.50 14.28
N GLU A 448 4.23 25.48 13.77
CA GLU A 448 4.85 26.62 13.10
C GLU A 448 5.77 27.35 14.07
N ILE A 449 5.30 27.57 15.30
CA ILE A 449 6.13 28.25 16.29
C ILE A 449 7.40 27.46 16.58
N GLN A 450 7.33 26.16 16.58
CA GLN A 450 8.53 25.41 16.83
C GLN A 450 9.44 25.53 15.66
N ALA A 451 8.90 25.54 14.46
CA ALA A 451 9.72 25.67 13.26
C ALA A 451 10.51 26.96 13.30
N ILE A 452 9.90 28.03 13.80
CA ILE A 452 10.61 29.30 13.90
C ILE A 452 11.89 29.14 14.70
N GLU A 453 11.88 28.29 15.73
CA GLU A 453 13.03 28.20 16.61
C GLU A 453 14.06 27.18 16.14
N ALA A 454 13.83 26.50 15.03
CA ALA A 454 14.82 25.61 14.46
C ALA A 454 15.75 26.40 13.53
N GLY A 463 2.41 19.79 9.18
CA GLY A 463 2.35 20.57 10.41
C GLY A 463 1.25 20.11 11.37
N ALA A 464 0.03 19.99 10.87
CA ALA A 464 -1.15 19.74 11.72
C ALA A 464 -1.35 18.26 12.02
N MET A 465 -1.72 17.96 13.26
CA MET A 465 -2.05 16.61 13.69
C MET A 465 -3.54 16.40 13.48
N LYS A 466 -3.90 15.26 12.89
CA LYS A 466 -5.29 14.91 12.66
C LYS A 466 -5.54 13.49 13.18
N THR A 467 -6.80 13.07 13.15
CA THR A 467 -7.09 11.68 13.46
C THR A 467 -6.70 10.83 12.27
N LEU A 468 -6.03 9.73 12.55
CA LEU A 468 -5.82 8.73 11.52
C LEU A 468 -6.88 7.66 11.60
N CYS A 469 -7.12 7.13 12.79
CA CYS A 469 -8.16 6.10 12.85
C CYS A 469 -8.59 5.90 14.28
N ILE A 470 -9.79 5.34 14.43
CA ILE A 470 -10.22 4.80 15.70
C ILE A 470 -10.01 3.29 15.59
N PRO A 471 -8.95 2.75 16.16
CA PRO A 471 -8.59 1.35 15.91
C PRO A 471 -9.64 0.37 16.38
N PHE A 472 -9.78 -0.72 15.61
CA PHE A 472 -10.57 -1.85 16.06
C PHE A 472 -10.03 -2.41 17.37
N ASP A 473 -8.70 -2.55 17.47
CA ASP A 473 -8.04 -2.92 18.72
C ASP A 473 -8.14 -1.81 19.77
N GLN A 474 -9.16 -1.86 20.61
CA GLN A 474 -9.32 -0.88 21.69
C GLN A 474 -8.64 -1.40 22.94
N PRO A 475 -7.63 -0.72 23.47
CA PRO A 475 -7.07 -1.12 24.76
C PRO A 475 -8.08 -0.88 25.88
N PRO A 476 -7.79 -1.30 27.11
CA PRO A 476 -8.77 -1.10 28.20
C PRO A 476 -9.04 0.39 28.42
N MET A 477 -10.34 0.69 28.57
CA MET A 477 -10.85 2.02 28.88
C MET A 477 -11.28 2.05 30.34
N PRO A 478 -10.44 2.58 31.26
CA PRO A 478 -10.84 2.73 32.66
C PRO A 478 -12.18 3.45 32.75
N GLU A 479 -12.90 3.23 33.86
CA GLU A 479 -14.33 3.57 33.88
C GLU A 479 -14.54 5.05 33.73
N GLY A 480 -13.83 5.89 34.48
CA GLY A 480 -14.08 7.31 34.42
C GLY A 480 -13.11 8.12 33.59
N THR A 481 -12.54 7.53 32.54
CA THR A 481 -11.51 8.19 31.72
C THR A 481 -12.09 9.38 30.96
N LYS A 482 -11.40 10.52 30.99
CA LYS A 482 -11.92 11.73 30.39
C LYS A 482 -11.17 12.04 29.08
N CYS A 483 -11.83 12.82 28.23
CA CYS A 483 -11.28 13.12 26.91
C CYS A 483 -9.98 13.91 27.04
N PHE A 484 -8.99 13.55 26.21
CA PHE A 484 -7.66 14.11 26.35
C PHE A 484 -7.55 15.56 25.85
N TYR A 485 -8.63 16.15 25.34
CA TYR A 485 -8.58 17.52 24.86
C TYR A 485 -9.74 18.33 25.39
N THR A 486 -10.89 17.70 25.60
CA THR A 486 -12.06 18.45 26.05
C THR A 486 -12.40 18.24 27.52
N GLY A 487 -11.85 17.20 28.15
CA GLY A 487 -12.23 16.85 29.51
C GLY A 487 -13.53 16.10 29.66
N LYS A 488 -14.31 15.97 28.59
CA LYS A 488 -15.59 15.25 28.62
C LYS A 488 -15.34 13.77 28.82
N PRO A 489 -16.39 12.97 29.03
CA PRO A 489 -16.20 11.52 29.07
C PRO A 489 -15.60 11.04 27.76
N ALA A 490 -14.47 10.35 27.88
CA ALA A 490 -13.86 9.72 26.72
C ALA A 490 -14.78 8.63 26.19
N LYS A 491 -14.82 8.50 24.87
CA LYS A 491 -15.64 7.48 24.22
C LYS A 491 -14.80 6.29 23.76
N ARG A 492 -13.71 6.55 23.03
CA ARG A 492 -12.89 5.46 22.53
C ARG A 492 -11.45 5.95 22.37
N TRP A 493 -10.52 5.00 22.29
CA TRP A 493 -9.13 5.31 22.00
C TRP A 493 -8.97 5.65 20.53
N THR A 494 -8.29 6.76 20.23
CA THR A 494 -8.10 7.24 18.87
C THR A 494 -6.62 7.46 18.60
N LEU A 495 -6.19 7.02 17.43
CA LEU A 495 -4.82 7.20 16.95
C LEU A 495 -4.77 8.46 16.07
N TRP A 496 -4.05 9.46 16.58
CA TRP A 496 -3.77 10.73 15.92
C TRP A 496 -2.30 10.79 15.51
N GLY A 497 -2.04 11.65 14.54
CA GLY A 497 -0.67 11.96 14.19
C GLY A 497 -0.63 12.85 12.97
N ARG A 498 0.57 13.34 12.67
CA ARG A 498 0.77 13.95 11.37
C ARG A 498 0.60 12.90 10.29
N SER A 499 0.22 13.34 9.10
CA SER A 499 -0.30 12.41 8.12
C SER A 499 0.18 12.81 6.74
N TYR A 500 0.15 11.84 5.82
CA TYR A 500 0.22 12.09 4.40
C TYR A 500 -1.14 12.51 3.84
C4 1XK B . -4.38 9.48 -3.11
C 1XK B . -1.30 7.48 -5.22
N 1XK B . -2.61 9.46 -4.72
N1 1XK B . -3.26 12.10 -5.34
C3 1XK B . -4.23 8.12 -2.90
C2 1XK B . -3.24 7.44 -3.60
C1 1XK B . -2.43 8.14 -4.50
O 1XK B . -4.33 12.24 -3.37
C10 1XK B . -0.27 15.43 -5.77
C11 1XK B . -0.08 15.85 -4.48
C12 1XK B . -1.05 15.55 -3.54
C13 1XK B . -2.18 14.82 -3.92
C14 1XK B . -0.93 16.07 -2.14
C15 1XK B . -1.84 16.05 -1.08
C16 1XK B . 0.70 17.81 0.58
C17 1XK B . 0.16 16.76 -1.64
C18 1XK B . -6.31 8.25 -1.56
C19 1XK B . -7.39 7.19 -1.43
C20 1XK B . -6.62 5.91 -1.06
C21 1XK B . -6.49 5.82 0.47
C22 1XK B . -7.19 4.69 -1.81
C23 1XK B . -8.33 4.91 -2.75
C24 1XK B . -8.56 4.16 -1.48
C25 1XK B . -5.25 6.16 -1.70
C5 1XK B . -3.56 10.10 -4.01
C6 1XK B . -3.73 11.58 -4.21
C7 1XK B . -3.50 13.51 -5.64
C8 1XK B . -2.32 14.38 -5.24
C9 1XK B . -1.35 14.70 -6.18
F 1XK B . 0.68 15.75 -6.70
N2 1XK B . -1.37 16.66 -0.01
N3 1XK B . -0.14 17.09 -0.37
N4 1XK B . -5.15 7.48 -2.02
O1 1XK B . -6.79 4.52 0.96
O2 1XK B . -4.38 5.32 -1.89
N PRO C . -14.07 4.93 -4.34
CA PRO C . -13.60 4.90 -2.95
C PRO C . -12.56 5.96 -2.65
O PRO C . -12.02 6.65 -3.53
CB PRO C . -13.01 3.50 -2.81
CG PRO C . -12.58 3.14 -4.23
CD PRO C . -13.70 3.70 -5.07
OXT PRO C . -12.17 6.12 -1.50
#